data_7AGI
#
_entry.id   7AGI
#
_cell.length_a   35.968
_cell.length_b   48.046
_cell.length_c   48.445
_cell.angle_alpha   82.430
_cell.angle_beta   76.010
_cell.angle_gamma   87.340
#
_symmetry.space_group_name_H-M   'P 1'
#
loop_
_entity.id
_entity.type
_entity.pdbx_description
1 polymer 'Protein artemis'
2 non-polymer 'ZINC ION'
3 non-polymer 1,2-ETHANEDIOL
4 water water
#
_entity_poly.entity_id   1
_entity_poly.type   'polypeptide(L)'
_entity_poly.pdbx_seq_one_letter_code
;SMSSFEGQMAEYPTISIDRFDRENLRARAYFLSHCDKDHMKGLRAPTLKRRLECSLKVYLYCSPVTKELLLTSPKYRFWK
KRIISIEIETPTQISLVDEASGEKEEIVVTLLPAGHCPGSVMFLFQGNNGTVLYTGDFRLAQGEAARMELLHSGGRVKDI
QSVYLDTTFCDPRFYQIPSREECLSGVLELVRSWITRSPYHVVWLNCKAAYGYEYLFTNLSEELGVQVHVNKLDMFRNMP
EILHHLTTDRNTQIHACRHPKAEEYFQWSKLPCGITSRNRIPLHIISIKPSTMWFGERSRKTNVIVRTGESSYRACFSFH
SSYSEIKDFLSYLCPVNAYPNVIPVGTTMDKVVEILKPLCRS
;
_entity_poly.pdbx_strand_id   A
#
loop_
_chem_comp.id
_chem_comp.type
_chem_comp.name
_chem_comp.formula
EDO non-polymer 1,2-ETHANEDIOL 'C2 H6 O2'
ZN non-polymer 'ZINC ION' 'Zn 2'
#
# COMPACT_ATOMS: atom_id res chain seq x y z
N SER A 4 -6.89 0.59 -16.40
CA SER A 4 -6.26 0.78 -15.07
C SER A 4 -4.91 1.51 -15.30
N PHE A 5 -3.82 1.04 -14.69
CA PHE A 5 -2.50 1.61 -14.95
C PHE A 5 -1.55 0.54 -15.45
N GLU A 6 -0.99 0.76 -16.64
CA GLU A 6 -0.15 -0.25 -17.26
C GLU A 6 1.30 0.13 -17.34
N GLY A 7 1.72 1.03 -16.44
CA GLY A 7 3.15 1.23 -16.15
C GLY A 7 3.72 2.54 -16.62
N GLN A 8 3.15 3.13 -17.67
CA GLN A 8 3.70 4.32 -18.29
C GLN A 8 2.79 5.54 -18.17
N MET A 9 3.40 6.64 -17.75
CA MET A 9 2.75 7.94 -17.76
C MET A 9 3.05 8.55 -19.11
N ALA A 10 2.06 9.23 -19.67
CA ALA A 10 2.21 9.88 -20.97
C ALA A 10 3.39 10.84 -21.05
N GLU A 11 3.68 11.56 -19.96
CA GLU A 11 4.69 12.63 -19.98
C GLU A 11 6.12 12.11 -19.99
N TYR A 12 6.33 10.90 -19.45
CA TYR A 12 7.66 10.28 -19.37
C TYR A 12 7.54 8.80 -19.70
N PRO A 13 7.31 8.46 -20.98
CA PRO A 13 7.11 7.05 -21.35
C PRO A 13 8.29 6.09 -21.12
N THR A 14 9.51 6.63 -21.00
CA THR A 14 10.69 5.80 -20.80
C THR A 14 10.86 5.31 -19.35
N ILE A 15 9.97 5.74 -18.44
CA ILE A 15 9.97 5.12 -17.11
CA ILE A 15 9.88 5.27 -17.06
C ILE A 15 8.73 4.26 -16.91
N SER A 16 8.94 3.18 -16.17
CA SER A 16 7.87 2.24 -15.88
C SER A 16 7.73 2.10 -14.37
N ILE A 17 6.49 2.21 -13.91
CA ILE A 17 6.16 2.21 -12.48
C ILE A 17 5.15 1.09 -12.21
N ASP A 18 5.47 0.19 -11.29
CA ASP A 18 4.50 -0.81 -10.77
C ASP A 18 3.93 -1.77 -11.85
N ARG A 19 4.64 -1.90 -12.95
CA ARG A 19 4.24 -2.77 -14.06
C ARG A 19 5.49 -3.01 -14.89
N PHE A 20 5.81 -4.26 -15.16
CA PHE A 20 7.13 -4.62 -15.70
C PHE A 20 7.08 -5.54 -16.90
N ASP A 21 5.88 -5.77 -17.43
CA ASP A 21 5.66 -6.64 -18.58
C ASP A 21 5.33 -5.82 -19.83
N ARG A 22 5.23 -6.50 -20.98
CA ARG A 22 4.76 -5.88 -22.23
C ARG A 22 5.60 -4.62 -22.60
N GLU A 23 4.98 -3.45 -22.79
CA GLU A 23 5.69 -2.22 -23.20
CA GLU A 23 5.72 -2.27 -23.25
C GLU A 23 6.74 -1.80 -22.19
N ASN A 24 6.52 -2.17 -20.94
CA ASN A 24 7.45 -1.84 -19.86
C ASN A 24 8.78 -2.55 -19.94
N LEU A 25 8.90 -3.59 -20.78
CA LEU A 25 10.20 -4.23 -21.00
C LEU A 25 11.25 -3.32 -21.64
N ARG A 26 10.86 -2.15 -22.17
CA ARG A 26 11.79 -1.24 -22.82
CA ARG A 26 11.80 -1.23 -22.81
C ARG A 26 12.11 0.02 -21.96
N ALA A 27 11.82 -0.05 -20.67
CA ALA A 27 12.00 1.09 -19.77
C ALA A 27 13.47 1.47 -19.60
N ARG A 28 13.74 2.76 -19.49
CA ARG A 28 15.07 3.27 -19.10
C ARG A 28 15.28 3.27 -17.58
N ALA A 29 14.18 3.22 -16.83
CA ALA A 29 14.24 3.05 -15.38
C ALA A 29 12.92 2.47 -14.88
N TYR A 30 13.01 1.70 -13.80
CA TYR A 30 11.84 1.11 -13.12
C TYR A 30 11.62 1.69 -11.74
N PHE A 31 10.35 1.73 -11.31
CA PHE A 31 9.95 2.21 -9.98
C PHE A 31 8.91 1.26 -9.39
N LEU A 32 9.05 1.00 -8.10
CA LEU A 32 8.13 0.15 -7.35
C LEU A 32 7.64 0.92 -6.13
N SER A 33 6.33 1.15 -6.06
CA SER A 33 5.74 1.95 -4.99
C SER A 33 5.62 1.21 -3.67
N HIS A 34 5.43 -0.12 -3.75
N HIS A 34 5.31 -0.09 -3.74
CA HIS A 34 5.25 -0.95 -2.57
CA HIS A 34 5.36 -0.97 -2.57
C HIS A 34 5.35 -2.42 -2.98
C HIS A 34 5.33 -2.42 -2.97
N CYS A 35 5.77 -3.26 -2.05
CA CYS A 35 5.89 -4.70 -2.27
CA CYS A 35 5.92 -4.68 -2.30
C CYS A 35 4.58 -5.41 -2.11
N ASP A 36 3.97 -5.80 -3.22
CA ASP A 36 2.82 -6.68 -3.20
C ASP A 36 2.56 -7.15 -4.63
N LYS A 37 1.96 -8.34 -4.76
CA LYS A 37 1.74 -8.99 -6.05
C LYS A 37 1.15 -8.07 -7.12
N ASP A 38 0.13 -7.30 -6.74
CA ASP A 38 -0.60 -6.43 -7.69
C ASP A 38 0.26 -5.33 -8.30
N HIS A 39 1.30 -4.90 -7.59
CA HIS A 39 2.21 -3.87 -8.08
C HIS A 39 3.56 -4.41 -8.59
N MET A 40 3.70 -5.74 -8.64
CA MET A 40 4.94 -6.40 -9.06
CA MET A 40 4.94 -6.38 -9.09
C MET A 40 4.71 -7.31 -10.28
N LYS A 41 3.70 -7.01 -11.09
CA LYS A 41 3.39 -7.84 -12.27
C LYS A 41 4.55 -7.78 -13.27
N GLY A 42 5.18 -8.94 -13.50
CA GLY A 42 6.31 -9.08 -14.41
C GLY A 42 7.69 -8.85 -13.81
N LEU A 43 7.77 -8.51 -12.52
CA LEU A 43 9.02 -8.06 -11.94
C LEU A 43 10.12 -9.15 -11.86
N ARG A 44 9.74 -10.43 -11.89
CA ARG A 44 10.72 -11.52 -12.01
C ARG A 44 10.43 -12.46 -13.19
N ALA A 45 9.76 -11.94 -14.22
CA ALA A 45 9.53 -12.70 -15.46
C ALA A 45 10.87 -12.98 -16.16
N PRO A 46 11.02 -14.18 -16.73
CA PRO A 46 12.20 -14.46 -17.52
C PRO A 46 12.49 -13.43 -18.62
N THR A 47 11.44 -12.88 -19.25
CA THR A 47 11.64 -11.86 -20.28
CA THR A 47 11.61 -11.84 -20.28
C THR A 47 12.26 -10.55 -19.74
N LEU A 48 11.93 -10.20 -18.48
CA LEU A 48 12.56 -9.06 -17.83
CA LEU A 48 12.56 -9.06 -17.83
C LEU A 48 14.03 -9.37 -17.52
N LYS A 49 14.29 -10.57 -16.98
CA LYS A 49 15.65 -11.00 -16.68
C LYS A 49 16.51 -11.00 -17.95
N ARG A 50 15.92 -11.49 -19.03
CA ARG A 50 16.52 -11.51 -20.38
C ARG A 50 16.92 -10.12 -20.81
N ARG A 51 16.00 -9.18 -20.59
CA ARG A 51 16.24 -7.81 -20.96
C ARG A 51 17.29 -7.11 -20.05
N LEU A 52 17.31 -7.42 -18.76
CA LEU A 52 18.33 -6.86 -17.85
C LEU A 52 19.75 -7.33 -18.18
N GLU A 53 19.85 -8.52 -18.76
CA GLU A 53 21.15 -9.03 -19.23
C GLU A 53 21.67 -8.27 -20.45
N CYS A 54 20.76 -7.80 -21.31
CA CYS A 54 21.13 -7.02 -22.50
C CYS A 54 21.24 -5.51 -22.26
N SER A 55 20.71 -5.02 -21.14
CA SER A 55 20.61 -3.58 -20.87
C SER A 55 21.14 -3.25 -19.47
N LEU A 56 22.44 -2.99 -19.37
CA LEU A 56 23.15 -2.96 -18.09
C LEU A 56 22.91 -1.74 -17.17
N LYS A 57 22.52 -0.58 -17.71
CA LYS A 57 22.36 0.65 -16.95
C LYS A 57 20.89 0.94 -16.52
N VAL A 58 20.06 -0.10 -16.50
CA VAL A 58 18.67 0.02 -16.07
C VAL A 58 18.56 -0.36 -14.60
N TYR A 59 18.03 0.56 -13.79
CA TYR A 59 17.85 0.33 -12.36
C TYR A 59 16.39 0.30 -11.94
N LEU A 60 16.18 -0.31 -10.78
CA LEU A 60 14.91 -0.29 -10.08
C LEU A 60 15.04 0.64 -8.88
N TYR A 61 14.16 1.63 -8.79
CA TYR A 61 14.14 2.58 -7.69
C TYR A 61 12.91 2.34 -6.80
N CYS A 62 13.10 2.51 -5.49
CA CYS A 62 12.02 2.32 -4.52
C CYS A 62 12.46 2.91 -3.19
N SER A 63 11.60 2.84 -2.18
CA SER A 63 11.95 3.27 -0.83
C SER A 63 12.97 2.32 -0.21
N PRO A 64 13.67 2.78 0.85
CA PRO A 64 14.57 1.92 1.58
C PRO A 64 13.90 0.67 2.11
N VAL A 65 12.70 0.81 2.69
CA VAL A 65 11.98 -0.35 3.20
C VAL A 65 11.61 -1.34 2.08
N THR A 66 11.11 -0.83 0.97
CA THR A 66 10.77 -1.69 -0.16
C THR A 66 12.02 -2.46 -0.65
N LYS A 67 13.18 -1.79 -0.72
CA LYS A 67 14.42 -2.43 -1.15
CA LYS A 67 14.42 -2.43 -1.16
C LYS A 67 14.78 -3.56 -0.18
N GLU A 68 14.74 -3.28 1.12
CA GLU A 68 15.04 -4.28 2.14
CA GLU A 68 15.03 -4.30 2.14
C GLU A 68 14.11 -5.50 2.01
N LEU A 69 12.81 -5.24 1.88
CA LEU A 69 11.82 -6.32 1.73
C LEU A 69 12.11 -7.18 0.50
N LEU A 70 12.30 -6.54 -0.65
N LEU A 70 12.27 -6.53 -0.66
CA LEU A 70 12.56 -7.27 -1.89
CA LEU A 70 12.62 -7.23 -1.90
C LEU A 70 13.84 -8.13 -1.83
C LEU A 70 13.83 -8.14 -1.79
N LEU A 71 14.91 -7.62 -1.21
CA LEU A 71 16.17 -8.37 -1.12
C LEU A 71 16.14 -9.57 -0.17
N THR A 72 15.13 -9.67 0.69
CA THR A 72 14.94 -10.87 1.54
C THR A 72 14.40 -12.08 0.77
N SER A 73 13.80 -11.86 -0.40
CA SER A 73 13.16 -12.93 -1.17
C SER A 73 14.15 -13.51 -2.17
N PRO A 74 14.39 -14.85 -2.16
CA PRO A 74 15.35 -15.42 -3.12
C PRO A 74 14.98 -15.18 -4.60
N LYS A 75 13.69 -15.08 -4.91
CA LYS A 75 13.26 -14.93 -6.29
C LYS A 75 13.52 -13.54 -6.90
N TYR A 76 13.83 -12.54 -6.08
CA TYR A 76 14.18 -11.19 -6.56
C TYR A 76 15.65 -10.79 -6.33
N ARG A 77 16.47 -11.70 -5.81
CA ARG A 77 17.89 -11.45 -5.54
CA ARG A 77 17.86 -11.35 -5.51
C ARG A 77 18.70 -11.10 -6.79
N PHE A 78 18.24 -11.56 -7.96
CA PHE A 78 18.86 -11.17 -9.24
C PHE A 78 18.93 -9.64 -9.45
N TRP A 79 18.00 -8.92 -8.83
CA TRP A 79 18.00 -7.45 -8.83
C TRP A 79 19.07 -6.77 -7.95
N LYS A 80 19.67 -7.51 -7.01
CA LYS A 80 20.58 -6.93 -5.99
C LYS A 80 21.47 -5.76 -6.45
N LYS A 81 22.25 -5.98 -7.50
CA LYS A 81 23.18 -4.96 -8.01
C LYS A 81 22.51 -3.75 -8.69
N ARG A 82 21.21 -3.86 -8.96
CA ARG A 82 20.47 -2.92 -9.78
C ARG A 82 19.31 -2.24 -9.05
N ILE A 83 19.18 -2.45 -7.73
N ILE A 83 19.13 -2.51 -7.74
CA ILE A 83 18.11 -1.82 -6.98
CA ILE A 83 18.12 -1.81 -6.93
C ILE A 83 18.73 -0.66 -6.18
C ILE A 83 18.79 -0.63 -6.23
N ILE A 84 18.15 0.53 -6.33
CA ILE A 84 18.66 1.74 -5.69
C ILE A 84 17.51 2.29 -4.87
N SER A 85 17.69 2.39 -3.56
CA SER A 85 16.70 3.10 -2.77
C SER A 85 16.93 4.61 -2.85
N ILE A 86 15.84 5.34 -2.66
CA ILE A 86 15.86 6.80 -2.56
C ILE A 86 15.25 7.14 -1.22
N GLU A 87 15.93 7.97 -0.45
CA GLU A 87 15.41 8.35 0.87
C GLU A 87 14.11 9.14 0.73
N ILE A 88 13.26 9.01 1.73
CA ILE A 88 11.96 9.68 1.71
C ILE A 88 12.16 11.19 1.76
N GLU A 89 11.35 11.91 0.99
CA GLU A 89 11.35 13.37 0.95
C GLU A 89 12.73 13.96 0.76
N THR A 90 13.44 13.37 -0.22
CA THR A 90 14.79 13.71 -0.53
C THR A 90 14.87 13.74 -2.07
N PRO A 91 14.59 14.91 -2.69
CA PRO A 91 14.61 14.99 -4.16
C PRO A 91 15.95 14.51 -4.71
N THR A 92 15.89 13.60 -5.69
CA THR A 92 17.07 12.86 -6.16
C THR A 92 17.12 12.86 -7.67
N GLN A 93 18.26 13.26 -8.23
CA GLN A 93 18.40 13.32 -9.67
C GLN A 93 18.76 11.94 -10.20
N ILE A 94 18.03 11.55 -11.24
CA ILE A 94 18.22 10.27 -11.89
C ILE A 94 18.49 10.54 -13.35
N SER A 95 19.47 9.80 -13.90
CA SER A 95 19.81 9.87 -15.32
C SER A 95 19.20 8.66 -16.04
N LEU A 96 18.59 8.92 -17.19
CA LEU A 96 17.98 7.88 -18.03
C LEU A 96 18.73 7.89 -19.36
N VAL A 97 19.33 6.77 -19.72
CA VAL A 97 20.08 6.70 -20.97
C VAL A 97 19.41 5.77 -21.96
N ASP A 98 19.41 6.22 -23.21
CA ASP A 98 18.97 5.42 -24.34
C ASP A 98 20.13 4.49 -24.62
N GLU A 99 19.90 3.19 -24.49
CA GLU A 99 20.96 2.19 -24.65
C GLU A 99 21.52 2.19 -26.08
N ALA A 100 20.64 2.28 -27.06
CA ALA A 100 21.04 2.27 -28.47
C ALA A 100 21.70 3.59 -28.90
N SER A 101 20.92 4.66 -28.93
CA SER A 101 21.43 5.99 -29.30
C SER A 101 22.17 6.62 -28.12
N GLY A 102 22.26 7.95 -28.09
CA GLY A 102 22.90 8.67 -26.98
C GLY A 102 22.02 9.65 -26.26
N GLU A 103 20.69 9.48 -26.38
CA GLU A 103 19.74 10.33 -25.64
C GLU A 103 19.94 10.14 -24.14
N LYS A 104 20.50 11.17 -23.49
CA LYS A 104 20.58 11.24 -22.04
C LYS A 104 19.43 12.12 -21.54
N GLU A 105 18.70 11.64 -20.54
CA GLU A 105 17.48 12.29 -20.07
C GLU A 105 17.61 12.38 -18.55
N GLU A 106 17.26 13.53 -17.97
CA GLU A 106 17.46 13.78 -16.54
C GLU A 106 16.10 14.06 -15.91
N ILE A 107 15.82 13.43 -14.77
N ILE A 107 15.85 13.47 -14.74
CA ILE A 107 14.60 13.65 -14.02
CA ILE A 107 14.59 13.71 -14.03
C ILE A 107 14.96 13.78 -12.55
C ILE A 107 14.84 13.66 -12.53
N VAL A 108 14.13 14.50 -11.79
CA VAL A 108 14.27 14.57 -10.33
C VAL A 108 13.07 13.87 -9.74
N VAL A 109 13.30 12.90 -8.85
CA VAL A 109 12.20 12.18 -8.23
CA VAL A 109 12.25 12.11 -8.23
C VAL A 109 12.19 12.43 -6.72
N THR A 110 11.00 12.60 -6.19
CA THR A 110 10.82 12.77 -4.76
C THR A 110 9.82 11.72 -4.28
N LEU A 111 10.20 10.99 -3.22
CA LEU A 111 9.32 9.99 -2.63
C LEU A 111 8.56 10.61 -1.47
N LEU A 112 7.25 10.44 -1.47
CA LEU A 112 6.36 11.01 -0.45
C LEU A 112 5.63 9.86 0.22
N PRO A 113 5.36 9.96 1.52
CA PRO A 113 4.63 8.84 2.14
C PRO A 113 3.21 8.72 1.58
N ALA A 114 2.70 7.49 1.52
N ALA A 114 2.70 7.48 1.55
CA ALA A 114 1.43 7.19 0.85
CA ALA A 114 1.44 7.12 0.90
C ALA A 114 0.37 6.83 1.87
C ALA A 114 0.50 6.41 1.88
N GLY A 115 0.82 6.41 3.06
N GLY A 115 1.04 5.94 2.99
CA GLY A 115 -0.09 5.87 4.07
CA GLY A 115 0.20 5.37 4.07
C GLY A 115 0.62 4.83 4.91
C GLY A 115 -0.58 4.12 3.70
N HIS A 116 -0.03 4.37 5.98
N HIS A 116 -0.02 3.34 2.78
CA HIS A 116 0.65 3.57 6.98
CA HIS A 116 -0.64 2.09 2.33
C HIS A 116 0.82 2.12 6.53
C HIS A 116 -0.03 0.83 3.00
N CYS A 117 1.79 1.92 5.64
N CYS A 117 1.29 0.78 3.11
CA CYS A 117 2.08 0.62 5.07
CA CYS A 117 1.95 -0.33 3.77
C CYS A 117 3.56 0.57 4.74
C CYS A 117 3.41 0.00 4.00
N PRO A 118 4.26 -0.47 5.24
N PRO A 118 4.11 -0.83 4.78
CA PRO A 118 5.71 -0.61 5.08
CA PRO A 118 5.52 -0.53 5.00
C PRO A 118 6.22 -0.32 3.67
C PRO A 118 6.21 -0.32 3.66
N GLY A 119 6.95 0.78 3.55
CA GLY A 119 7.68 1.11 2.32
C GLY A 119 6.89 1.80 1.24
N SER A 120 5.58 1.95 1.41
CA SER A 120 4.76 2.52 0.35
C SER A 120 5.03 4.02 0.20
N VAL A 121 5.16 4.44 -1.05
CA VAL A 121 5.41 5.82 -1.40
C VAL A 121 4.61 6.26 -2.61
N MET A 122 4.46 7.57 -2.72
CA MET A 122 4.08 8.24 -3.95
C MET A 122 5.37 8.74 -4.58
N PHE A 123 5.40 8.81 -5.91
CA PHE A 123 6.54 9.34 -6.64
C PHE A 123 6.15 10.64 -7.35
N LEU A 124 6.86 11.72 -7.00
CA LEU A 124 6.74 12.99 -7.68
C LEU A 124 7.90 13.09 -8.65
N PHE A 125 7.61 13.29 -9.94
CA PHE A 125 8.64 13.39 -10.97
C PHE A 125 8.68 14.81 -11.52
N GLN A 126 9.86 15.40 -11.59
N GLN A 126 9.87 15.39 -11.54
CA GLN A 126 10.07 16.73 -12.17
CA GLN A 126 10.13 16.68 -12.18
C GLN A 126 11.14 16.66 -13.24
C GLN A 126 11.09 16.43 -13.32
N GLY A 127 10.79 17.01 -14.47
CA GLY A 127 11.69 16.89 -15.62
C GLY A 127 11.33 17.96 -16.61
N ASN A 128 11.83 17.83 -17.83
CA ASN A 128 11.61 18.89 -18.80
C ASN A 128 10.28 18.76 -19.54
N ASN A 129 9.43 17.80 -19.15
CA ASN A 129 8.08 17.70 -19.71
C ASN A 129 6.98 17.83 -18.65
N GLY A 130 7.24 18.63 -17.63
CA GLY A 130 6.26 18.92 -16.60
C GLY A 130 6.47 18.09 -15.35
N THR A 131 5.70 18.44 -14.34
CA THR A 131 5.70 17.70 -13.08
C THR A 131 4.51 16.75 -13.06
N VAL A 132 4.77 15.49 -12.71
CA VAL A 132 3.71 14.53 -12.54
C VAL A 132 3.83 13.81 -11.21
N LEU A 133 2.68 13.37 -10.68
CA LEU A 133 2.62 12.63 -9.43
C LEU A 133 1.97 11.26 -9.66
N TYR A 134 2.63 10.20 -9.21
CA TYR A 134 2.09 8.85 -9.22
C TYR A 134 1.87 8.47 -7.76
N THR A 135 0.62 8.21 -7.36
CA THR A 135 0.34 8.02 -5.93
C THR A 135 0.58 6.60 -5.45
N GLY A 136 0.52 5.63 -6.36
CA GLY A 136 0.40 4.23 -5.96
C GLY A 136 -0.88 4.06 -5.17
N ASP A 137 -1.00 2.99 -4.38
CA ASP A 137 -2.10 2.91 -3.43
C ASP A 137 -1.81 3.92 -2.32
N PHE A 138 -2.84 4.65 -1.89
CA PHE A 138 -2.64 5.62 -0.84
C PHE A 138 -3.87 5.86 0.00
N ARG A 139 -3.62 6.23 1.25
CA ARG A 139 -4.62 6.86 2.07
C ARG A 139 -3.96 7.88 2.99
N LEU A 140 -4.19 9.17 2.76
N LEU A 140 -4.24 9.14 2.65
CA LEU A 140 -3.51 10.22 3.53
CA LEU A 140 -3.88 10.32 3.43
C LEU A 140 -4.32 10.67 4.76
C LEU A 140 -5.16 10.97 3.93
N ALA A 141 -3.62 11.06 5.83
N ALA A 141 -5.14 11.39 5.19
CA ALA A 141 -4.32 11.63 6.98
CA ALA A 141 -6.28 12.05 5.81
C ALA A 141 -4.93 12.98 6.61
C ALA A 141 -6.34 13.51 5.41
N GLN A 142 -5.89 13.44 7.40
N GLN A 142 -7.40 14.18 5.85
CA GLN A 142 -6.49 14.77 7.18
CA GLN A 142 -7.66 15.57 5.48
C GLN A 142 -5.43 15.85 7.17
C GLN A 142 -6.42 16.39 5.11
N GLY A 143 -5.41 16.67 6.12
N GLY A 143 -5.56 16.68 6.08
CA GLY A 143 -4.44 17.75 5.99
CA GLY A 143 -4.51 17.71 5.90
C GLY A 143 -3.01 17.31 5.67
C GLY A 143 -3.05 17.30 5.66
N GLU A 144 -2.80 16.01 5.41
CA GLU A 144 -1.44 15.48 5.27
C GLU A 144 -0.75 15.95 4.01
N ALA A 145 -1.47 15.98 2.90
CA ALA A 145 -0.90 16.43 1.63
C ALA A 145 -0.47 17.92 1.72
N ALA A 146 -1.30 18.74 2.35
CA ALA A 146 -0.99 20.17 2.56
C ALA A 146 0.28 20.40 3.36
N ARG A 147 0.64 19.45 4.24
CA ARG A 147 1.86 19.54 5.05
CA ARG A 147 1.86 19.54 5.05
C ARG A 147 3.10 19.04 4.33
N MET A 148 2.94 18.43 3.16
CA MET A 148 4.09 17.92 2.40
C MET A 148 4.75 19.07 1.68
N GLU A 149 5.80 19.59 2.30
CA GLU A 149 6.48 20.78 1.78
C GLU A 149 6.98 20.55 0.37
N LEU A 150 7.41 19.34 0.05
CA LEU A 150 7.94 19.06 -1.27
C LEU A 150 6.88 18.94 -2.37
N LEU A 151 5.60 18.96 -2.02
CA LEU A 151 4.53 19.18 -3.00
C LEU A 151 4.28 20.66 -3.31
N HIS A 152 5.02 21.56 -2.67
CA HIS A 152 4.74 22.98 -2.77
C HIS A 152 5.95 23.73 -3.29
N SER A 153 5.68 24.91 -3.84
N SER A 153 5.69 24.86 -3.95
CA SER A 153 6.70 25.90 -4.15
CA SER A 153 6.73 25.78 -4.41
C SER A 153 6.11 27.28 -3.95
C SER A 153 6.44 27.09 -3.73
N GLY A 154 6.83 28.13 -3.22
N GLY A 154 7.30 27.48 -2.80
CA GLY A 154 6.39 29.48 -2.91
CA GLY A 154 6.95 28.53 -1.87
C GLY A 154 5.07 29.60 -2.16
C GLY A 154 5.66 28.16 -1.15
N GLY A 155 4.82 28.67 -1.24
N GLY A 155 4.67 29.04 -1.22
CA GLY A 155 3.59 28.69 -0.44
CA GLY A 155 3.45 28.87 -0.43
C GLY A 155 2.29 28.41 -1.20
C GLY A 155 2.27 28.15 -1.08
N ARG A 156 2.42 27.74 -2.35
CA ARG A 156 1.30 27.21 -3.12
C ARG A 156 1.72 25.84 -3.61
N VAL A 157 0.74 25.03 -3.97
CA VAL A 157 1.03 23.73 -4.53
C VAL A 157 1.81 23.90 -5.83
N LYS A 158 2.71 22.96 -6.10
CA LYS A 158 3.42 22.92 -7.37
C LYS A 158 2.41 22.80 -8.53
N ASP A 159 2.77 23.35 -9.68
CA ASP A 159 1.99 23.16 -10.90
C ASP A 159 2.21 21.73 -11.38
N ILE A 160 1.18 20.91 -11.22
CA ILE A 160 1.25 19.48 -11.54
C ILE A 160 0.46 19.25 -12.81
N GLN A 161 1.15 18.74 -13.82
CA GLN A 161 0.51 18.44 -15.09
C GLN A 161 -0.47 17.28 -14.97
N SER A 162 -0.03 16.18 -14.37
CA SER A 162 -0.88 14.97 -14.29
C SER A 162 -0.68 14.24 -12.98
N VAL A 163 -1.78 13.76 -12.41
CA VAL A 163 -1.75 12.91 -11.25
C VAL A 163 -2.31 11.56 -11.66
N TYR A 164 -1.55 10.50 -11.38
CA TYR A 164 -1.97 9.11 -11.65
C TYR A 164 -2.29 8.53 -10.28
N LEU A 165 -3.57 8.31 -9.98
CA LEU A 165 -3.93 8.06 -8.58
CA LEU A 165 -4.03 8.15 -8.59
C LEU A 165 -4.85 6.90 -8.30
N ASP A 166 -4.77 6.47 -7.05
CA ASP A 166 -5.55 5.37 -6.54
C ASP A 166 -7.03 5.74 -6.42
N THR A 167 -7.82 5.25 -7.37
CA THR A 167 -9.24 5.53 -7.47
C THR A 167 -10.07 4.30 -7.07
N THR A 168 -9.51 3.43 -6.21
CA THR A 168 -10.19 2.21 -5.74
C THR A 168 -11.63 2.51 -5.32
N PHE A 169 -11.82 3.58 -4.54
CA PHE A 169 -13.15 3.97 -4.03
C PHE A 169 -13.62 5.29 -4.61
N CYS A 170 -13.29 5.55 -5.88
CA CYS A 170 -13.66 6.80 -6.55
C CYS A 170 -15.08 6.69 -7.12
N ASP A 171 -16.05 6.70 -6.22
N ASP A 171 -16.05 6.78 -6.23
CA ASP A 171 -17.48 6.74 -6.55
CA ASP A 171 -17.46 6.77 -6.59
C ASP A 171 -18.18 7.38 -5.36
C ASP A 171 -18.20 7.33 -5.39
N PRO A 172 -19.20 8.24 -5.60
CA PRO A 172 -19.85 8.89 -4.45
C PRO A 172 -20.50 7.98 -3.40
N ARG A 173 -20.78 6.71 -3.72
CA ARG A 173 -21.28 5.77 -2.71
C ARG A 173 -20.29 5.54 -1.58
N PHE A 174 -18.99 5.55 -1.91
CA PHE A 174 -17.92 5.37 -0.92
C PHE A 174 -17.50 6.69 -0.30
N TYR A 175 -18.47 7.52 0.10
CA TYR A 175 -18.18 8.92 0.38
C TYR A 175 -17.22 9.10 1.54
N GLN A 176 -17.47 8.38 2.64
N GLN A 176 -17.53 8.47 2.68
CA GLN A 176 -16.66 8.51 3.84
CA GLN A 176 -16.67 8.53 3.87
C GLN A 176 -16.29 7.13 4.34
C GLN A 176 -16.28 7.13 4.30
N ILE A 177 -15.05 7.01 4.79
CA ILE A 177 -14.55 5.81 5.47
C ILE A 177 -14.01 6.26 6.82
N PRO A 178 -14.32 5.52 7.89
CA PRO A 178 -13.71 5.84 9.18
C PRO A 178 -12.19 5.97 9.10
N SER A 179 -11.66 6.89 9.90
CA SER A 179 -10.22 7.18 9.92
C SER A 179 -9.43 5.97 10.40
N ARG A 180 -8.14 5.98 10.07
CA ARG A 180 -7.21 4.94 10.54
C ARG A 180 -7.25 4.77 12.05
N GLU A 181 -7.33 5.89 12.76
CA GLU A 181 -7.31 5.91 14.22
C GLU A 181 -8.59 5.29 14.78
N GLU A 182 -9.73 5.65 14.18
CA GLU A 182 -11.02 5.06 14.51
C GLU A 182 -11.03 3.53 14.29
N CYS A 183 -10.49 3.11 13.14
CA CYS A 183 -10.39 1.68 12.80
C CYS A 183 -9.52 0.93 13.79
N LEU A 184 -8.34 1.47 14.06
CA LEU A 184 -7.42 0.89 15.03
C LEU A 184 -8.02 0.77 16.43
N SER A 185 -8.62 1.85 16.91
CA SER A 185 -9.17 1.86 18.27
CA SER A 185 -9.19 1.88 18.27
C SER A 185 -10.27 0.81 18.42
N GLY A 186 -11.12 0.68 17.41
CA GLY A 186 -12.19 -0.31 17.43
C GLY A 186 -11.69 -1.74 17.56
N VAL A 187 -10.71 -2.10 16.73
CA VAL A 187 -10.09 -3.43 16.77
C VAL A 187 -9.35 -3.64 18.08
N LEU A 188 -8.55 -2.64 18.49
CA LEU A 188 -7.83 -2.73 19.77
C LEU A 188 -8.77 -3.05 20.93
N GLU A 189 -9.83 -2.28 21.06
CA GLU A 189 -10.72 -2.48 22.20
C GLU A 189 -11.50 -3.79 22.15
N LEU A 190 -11.86 -4.27 20.94
CA LEU A 190 -12.45 -5.60 20.79
C LEU A 190 -11.47 -6.68 21.24
N VAL A 191 -10.25 -6.61 20.73
CA VAL A 191 -9.24 -7.63 21.06
C VAL A 191 -8.97 -7.60 22.57
N ARG A 192 -8.77 -6.40 23.11
CA ARG A 192 -8.54 -6.22 24.56
C ARG A 192 -9.64 -6.86 25.41
N SER A 193 -10.90 -6.60 25.06
CA SER A 193 -12.06 -7.13 25.78
C SER A 193 -12.11 -8.65 25.79
N TRP A 194 -11.56 -9.28 24.75
CA TRP A 194 -11.49 -10.73 24.67
C TRP A 194 -10.29 -11.32 25.39
N ILE A 195 -9.07 -10.92 25.02
CA ILE A 195 -7.87 -11.65 25.47
C ILE A 195 -7.54 -11.44 26.95
N THR A 196 -8.07 -10.37 27.54
CA THR A 196 -7.91 -10.14 28.97
C THR A 196 -8.79 -11.05 29.84
N ARG A 197 -9.76 -11.76 29.25
CA ARG A 197 -10.66 -12.62 30.03
C ARG A 197 -9.96 -13.83 30.66
N SER A 198 -9.05 -14.43 29.91
CA SER A 198 -8.17 -15.48 30.42
C SER A 198 -7.04 -15.70 29.42
N PRO A 199 -5.98 -16.44 29.81
CA PRO A 199 -4.92 -16.81 28.86
C PRO A 199 -5.36 -17.70 27.68
N TYR A 200 -6.56 -18.27 27.80
CA TYR A 200 -7.11 -19.21 26.80
C TYR A 200 -8.03 -18.52 25.80
N HIS A 201 -8.30 -17.23 26.01
CA HIS A 201 -9.04 -16.40 25.04
C HIS A 201 -8.05 -15.90 23.99
N VAL A 202 -8.34 -16.23 22.73
CA VAL A 202 -7.46 -15.89 21.61
CA VAL A 202 -7.47 -16.00 21.57
C VAL A 202 -8.28 -15.30 20.46
N VAL A 203 -7.63 -14.44 19.68
CA VAL A 203 -8.21 -13.80 18.51
CA VAL A 203 -8.24 -13.85 18.50
C VAL A 203 -7.51 -14.28 17.25
N TRP A 204 -8.29 -14.51 16.20
CA TRP A 204 -7.77 -14.70 14.87
C TRP A 204 -8.11 -13.48 14.04
N LEU A 205 -7.09 -12.78 13.57
CA LEU A 205 -7.23 -11.70 12.60
C LEU A 205 -7.16 -12.30 11.20
N ASN A 206 -8.30 -12.29 10.50
CA ASN A 206 -8.44 -12.91 9.18
C ASN A 206 -8.12 -11.88 8.13
N CYS A 207 -6.86 -11.88 7.69
CA CYS A 207 -6.33 -10.86 6.79
C CYS A 207 -5.98 -11.47 5.44
N LYS A 208 -6.09 -10.67 4.39
CA LYS A 208 -5.66 -11.08 3.05
C LYS A 208 -4.14 -11.24 3.00
N ALA A 209 -3.68 -12.00 2.01
CA ALA A 209 -2.24 -12.22 1.80
C ALA A 209 -1.62 -10.98 1.17
N ALA A 210 -1.36 -9.99 2.02
CA ALA A 210 -0.85 -8.69 1.57
C ALA A 210 -0.18 -7.91 2.71
N TYR A 211 0.85 -7.15 2.38
CA TYR A 211 1.40 -6.20 3.33
C TYR A 211 0.38 -5.08 3.56
N GLY A 212 0.46 -4.48 4.73
CA GLY A 212 -0.33 -3.33 5.11
C GLY A 212 -1.24 -3.57 6.30
N TYR A 213 -1.17 -4.77 6.88
CA TYR A 213 -1.74 -5.02 8.18
C TYR A 213 -0.68 -4.86 9.28
N GLU A 214 0.57 -4.61 8.92
CA GLU A 214 1.67 -4.50 9.89
C GLU A 214 1.47 -3.42 10.96
N TYR A 215 1.02 -2.24 10.56
CA TYR A 215 0.68 -1.19 11.53
C TYR A 215 -0.42 -1.62 12.50
N LEU A 216 -1.39 -2.40 12.00
CA LEU A 216 -2.40 -3.01 12.87
C LEU A 216 -1.76 -3.99 13.84
N PHE A 217 -0.91 -4.87 13.32
CA PHE A 217 -0.25 -5.89 14.17
C PHE A 217 0.65 -5.24 15.22
N THR A 218 1.47 -4.27 14.79
CA THR A 218 2.41 -3.62 15.71
C THR A 218 1.71 -2.83 16.82
N ASN A 219 0.64 -2.09 16.50
CA ASN A 219 -0.12 -1.35 17.53
CA ASN A 219 -0.10 -1.35 17.53
C ASN A 219 -0.84 -2.29 18.49
N LEU A 220 -1.45 -3.35 17.97
CA LEU A 220 -2.10 -4.33 18.85
C LEU A 220 -1.06 -4.94 19.80
N SER A 221 0.09 -5.32 19.25
CA SER A 221 1.19 -5.90 20.03
C SER A 221 1.74 -4.92 21.07
N GLU A 222 1.98 -3.69 20.65
CA GLU A 222 2.50 -2.64 21.53
C GLU A 222 1.55 -2.37 22.69
N GLU A 223 0.26 -2.16 22.39
CA GLU A 223 -0.73 -1.84 23.41
C GLU A 223 -1.05 -2.99 24.38
N LEU A 224 -1.00 -4.23 23.89
CA LEU A 224 -1.43 -5.40 24.68
C LEU A 224 -0.31 -6.33 25.16
N GLY A 225 0.93 -6.08 24.72
CA GLY A 225 2.10 -6.84 25.17
C GLY A 225 2.12 -8.29 24.73
N VAL A 226 1.63 -8.53 23.51
CA VAL A 226 1.49 -9.86 22.93
C VAL A 226 2.10 -9.82 21.52
N GLN A 227 2.80 -10.87 21.12
CA GLN A 227 3.29 -10.97 19.75
C GLN A 227 2.21 -11.58 18.88
N VAL A 228 2.13 -11.13 17.63
CA VAL A 228 1.12 -11.61 16.70
C VAL A 228 1.67 -12.78 15.90
N HIS A 229 0.93 -13.90 15.88
CA HIS A 229 1.34 -15.05 15.08
C HIS A 229 1.19 -14.77 13.59
N VAL A 230 2.23 -15.08 12.82
CA VAL A 230 2.21 -14.95 11.37
C VAL A 230 2.89 -16.17 10.73
N ASN A 231 2.55 -16.46 9.48
CA ASN A 231 3.16 -17.58 8.74
C ASN A 231 4.66 -17.34 8.46
N LYS A 232 5.00 -16.10 8.10
CA LYS A 232 6.36 -15.73 7.67
C LYS A 232 6.68 -14.32 8.16
N LEU A 233 7.85 -14.15 8.79
CA LEU A 233 8.29 -12.83 9.24
C LEU A 233 9.73 -12.48 8.82
N ASP A 234 10.33 -13.30 7.97
CA ASP A 234 11.75 -13.13 7.65
C ASP A 234 12.00 -11.91 6.75
N MET A 235 10.98 -11.43 6.05
CA MET A 235 11.09 -10.14 5.32
C MET A 235 11.41 -8.96 6.25
N PHE A 236 11.07 -9.09 7.55
CA PHE A 236 11.33 -8.06 8.55
C PHE A 236 12.55 -8.35 9.44
N ARG A 237 13.40 -9.29 9.02
CA ARG A 237 14.62 -9.65 9.78
C ARG A 237 15.45 -8.43 10.22
N ASN A 238 15.55 -7.42 9.34
CA ASN A 238 16.32 -6.20 9.61
C ASN A 238 15.47 -4.99 9.98
N MET A 239 14.25 -5.25 10.46
CA MET A 239 13.29 -4.21 10.81
CA MET A 239 13.30 -4.20 10.82
C MET A 239 12.74 -4.49 12.21
N PRO A 240 13.58 -4.30 13.25
CA PRO A 240 13.20 -4.70 14.62
C PRO A 240 11.92 -4.07 15.16
N GLU A 241 11.59 -2.84 14.74
CA GLU A 241 10.35 -2.19 15.17
C GLU A 241 9.07 -2.90 14.68
N ILE A 242 9.17 -3.63 13.56
CA ILE A 242 8.10 -4.53 13.12
C ILE A 242 8.32 -5.93 13.70
N LEU A 243 9.52 -6.47 13.49
CA LEU A 243 9.84 -7.89 13.75
C LEU A 243 9.49 -8.35 15.16
N HIS A 244 9.79 -7.51 16.14
CA HIS A 244 9.64 -7.88 17.54
C HIS A 244 8.17 -8.01 17.98
N HIS A 245 7.24 -7.44 17.21
CA HIS A 245 5.80 -7.60 17.47
C HIS A 245 5.18 -8.85 16.84
N LEU A 246 5.98 -9.63 16.11
CA LEU A 246 5.50 -10.78 15.37
C LEU A 246 6.19 -12.04 15.86
N THR A 247 5.56 -13.18 15.61
CA THR A 247 6.15 -14.48 15.96
C THR A 247 5.64 -15.61 15.05
N THR A 248 6.49 -16.61 14.81
CA THR A 248 6.07 -17.83 14.10
C THR A 248 5.63 -18.92 15.07
N ASP A 249 5.72 -18.66 16.38
CA ASP A 249 5.34 -19.61 17.41
C ASP A 249 3.85 -19.44 17.68
N ARG A 250 3.09 -20.52 17.55
CA ARG A 250 1.63 -20.41 17.66
C ARG A 250 1.09 -20.25 19.10
N ASN A 251 1.95 -20.26 20.11
CA ASN A 251 1.51 -20.14 21.48
C ASN A 251 1.39 -18.67 21.86
N THR A 252 0.34 -18.04 21.33
CA THR A 252 0.07 -16.65 21.56
C THR A 252 -1.43 -16.39 21.46
N GLN A 253 -1.86 -15.30 22.07
CA GLN A 253 -3.28 -14.93 22.10
C GLN A 253 -3.74 -14.13 20.89
N ILE A 254 -2.83 -13.63 20.05
CA ILE A 254 -3.24 -12.92 18.82
C ILE A 254 -2.62 -13.60 17.63
N HIS A 255 -3.45 -14.04 16.69
CA HIS A 255 -3.01 -14.73 15.49
C HIS A 255 -3.42 -13.99 14.23
N ALA A 256 -2.46 -13.85 13.33
CA ALA A 256 -2.73 -13.42 11.96
C ALA A 256 -2.10 -14.41 10.97
N CYS A 257 -2.01 -15.67 11.37
CA CYS A 257 -1.64 -16.76 10.46
C CYS A 257 -2.72 -16.92 9.40
N ARG A 258 -2.36 -17.62 8.32
CA ARG A 258 -3.21 -17.76 7.14
CA ARG A 258 -3.22 -17.76 7.16
C ARG A 258 -3.24 -19.20 6.70
N HIS A 259 -4.38 -19.62 6.17
CA HIS A 259 -4.54 -20.95 5.63
C HIS A 259 -3.77 -20.96 4.32
N PRO A 260 -3.37 -22.15 3.85
CA PRO A 260 -2.95 -22.25 2.45
C PRO A 260 -3.94 -21.51 1.54
N LYS A 261 -3.40 -20.65 0.68
CA LYS A 261 -4.22 -19.74 -0.16
C LYS A 261 -5.30 -20.45 -0.99
N ALA A 262 -5.02 -21.69 -1.39
CA ALA A 262 -5.97 -22.55 -2.12
C ALA A 262 -7.32 -22.74 -1.41
N GLU A 263 -7.30 -22.91 -0.10
CA GLU A 263 -8.51 -23.26 0.66
C GLU A 263 -9.65 -22.23 0.57
N GLU A 264 -10.88 -22.74 0.54
CA GLU A 264 -12.08 -21.91 0.56
C GLU A 264 -12.33 -21.39 1.97
N TYR A 265 -12.95 -20.21 2.06
CA TYR A 265 -13.33 -19.63 3.35
C TYR A 265 -14.30 -20.54 4.12
N PHE A 266 -15.16 -21.24 3.38
CA PHE A 266 -16.13 -22.18 3.96
C PHE A 266 -15.53 -23.49 4.50
N GLN A 267 -14.30 -23.81 4.08
CA GLN A 267 -13.58 -24.99 4.57
C GLN A 267 -12.91 -24.81 5.94
N TRP A 268 -12.74 -23.57 6.38
CA TRP A 268 -12.02 -23.26 7.63
C TRP A 268 -12.88 -23.57 8.86
N SER A 269 -12.27 -24.18 9.88
CA SER A 269 -12.96 -24.53 11.12
C SER A 269 -12.15 -24.27 12.39
N LYS A 270 -11.12 -23.41 12.30
CA LYS A 270 -10.20 -23.17 13.42
C LYS A 270 -9.18 -22.04 13.12
N LEU A 271 -8.16 -21.93 13.96
CA LEU A 271 -6.94 -21.21 13.62
C LEU A 271 -6.15 -21.94 12.51
N PRO A 272 -5.67 -21.20 11.50
CA PRO A 272 -4.87 -21.81 10.42
C PRO A 272 -3.73 -22.69 10.90
N CYS A 273 -3.07 -22.27 11.97
CA CYS A 273 -1.92 -22.96 12.50
C CYS A 273 -2.24 -24.20 13.33
N GLY A 274 -3.52 -24.47 13.57
CA GLY A 274 -3.99 -25.72 14.17
C GLY A 274 -4.04 -25.82 15.69
N ILE A 275 -3.68 -24.76 16.41
CA ILE A 275 -3.75 -24.81 17.87
C ILE A 275 -5.21 -24.68 18.31
N THR A 276 -5.69 -25.66 19.06
CA THR A 276 -7.06 -25.70 19.55
C THR A 276 -7.20 -25.73 21.07
N SER A 277 -6.10 -25.96 21.77
CA SER A 277 -6.11 -26.03 23.23
C SER A 277 -4.73 -25.73 23.78
N ARG A 278 -4.69 -25.50 25.08
CA ARG A 278 -3.45 -25.36 25.83
C ARG A 278 -3.74 -25.97 27.20
N ASN A 279 -2.85 -26.85 27.66
CA ASN A 279 -3.11 -27.63 28.88
C ASN A 279 -4.43 -28.39 28.82
N ARG A 280 -4.77 -28.84 27.60
CA ARG A 280 -6.04 -29.51 27.30
CA ARG A 280 -6.05 -29.53 27.32
C ARG A 280 -7.30 -28.66 27.59
N ILE A 281 -7.12 -27.35 27.82
CA ILE A 281 -8.22 -26.44 27.99
C ILE A 281 -8.48 -25.88 26.59
N PRO A 282 -9.74 -26.00 26.09
CA PRO A 282 -10.00 -25.46 24.75
C PRO A 282 -9.80 -23.94 24.68
N LEU A 283 -9.18 -23.49 23.60
CA LEU A 283 -9.03 -22.06 23.36
C LEU A 283 -10.40 -21.50 23.03
N HIS A 284 -10.67 -20.29 23.49
CA HIS A 284 -11.91 -19.58 23.24
C HIS A 284 -11.57 -18.55 22.19
N ILE A 285 -12.05 -18.76 20.96
CA ILE A 285 -11.56 -18.04 19.80
C ILE A 285 -12.66 -17.16 19.24
N ILE A 286 -12.32 -15.90 18.94
CA ILE A 286 -13.13 -15.07 18.04
C ILE A 286 -12.32 -14.72 16.77
N SER A 287 -13.04 -14.59 15.66
CA SER A 287 -12.46 -14.18 14.40
C SER A 287 -12.79 -12.72 14.16
N ILE A 288 -11.82 -11.96 13.67
CA ILE A 288 -11.99 -10.56 13.33
C ILE A 288 -11.44 -10.36 11.91
N LYS A 289 -12.32 -9.98 10.97
CA LYS A 289 -11.94 -9.79 9.58
C LYS A 289 -11.89 -8.31 9.22
N PRO A 290 -10.68 -7.74 9.07
CA PRO A 290 -10.58 -6.39 8.52
C PRO A 290 -11.33 -6.33 7.17
N SER A 291 -12.21 -5.34 7.04
CA SER A 291 -13.13 -5.22 5.91
CA SER A 291 -13.12 -5.23 5.92
C SER A 291 -13.44 -3.74 5.70
N THR A 292 -13.41 -3.27 4.46
CA THR A 292 -13.70 -1.86 4.24
C THR A 292 -15.19 -1.63 4.44
N MET A 293 -15.49 -0.59 5.22
CA MET A 293 -16.85 -0.12 5.43
CA MET A 293 -16.86 -0.11 5.46
C MET A 293 -16.89 1.36 5.10
N TRP A 294 -18.04 1.83 4.64
CA TRP A 294 -18.16 3.20 4.18
C TRP A 294 -19.56 3.70 4.43
N PHE A 295 -19.72 5.00 4.24
N PHE A 295 -19.70 5.02 4.38
CA PHE A 295 -21.00 5.66 4.45
CA PHE A 295 -21.02 5.64 4.50
C PHE A 295 -21.17 6.77 3.45
C PHE A 295 -21.18 6.81 3.54
N GLY A 296 -22.42 7.04 3.10
CA GLY A 296 -22.74 8.06 2.11
C GLY A 296 -22.54 9.47 2.63
N GLU A 297 -22.65 10.43 1.72
CA GLU A 297 -22.45 11.85 2.01
C GLU A 297 -23.38 12.39 3.08
N ARG A 298 -24.61 11.87 3.10
CA ARG A 298 -25.67 12.36 3.98
C ARG A 298 -25.92 11.46 5.18
N SER A 299 -25.07 10.46 5.38
CA SER A 299 -25.20 9.51 6.49
C SER A 299 -24.19 9.85 7.59
N ARG A 300 -24.40 9.24 8.75
CA ARG A 300 -23.48 9.32 9.87
C ARG A 300 -22.69 8.00 9.94
N LYS A 301 -21.44 8.06 10.39
CA LYS A 301 -20.63 6.84 10.61
C LYS A 301 -21.25 6.03 11.76
N THR A 302 -21.21 4.70 11.62
CA THR A 302 -21.67 3.77 12.65
C THR A 302 -20.47 2.96 13.12
N ASN A 303 -20.68 1.98 14.01
CA ASN A 303 -19.57 1.30 14.69
C ASN A 303 -18.61 0.65 13.68
N VAL A 304 -17.32 0.84 13.87
CA VAL A 304 -16.33 0.15 13.02
C VAL A 304 -16.35 -1.38 13.19
N ILE A 305 -16.87 -1.86 14.33
CA ILE A 305 -17.05 -3.28 14.60
C ILE A 305 -18.46 -3.73 14.26
N VAL A 306 -18.54 -4.76 13.40
CA VAL A 306 -19.78 -5.37 12.97
C VAL A 306 -19.74 -6.84 13.38
N ARG A 307 -20.67 -7.25 14.25
CA ARG A 307 -20.75 -8.63 14.68
C ARG A 307 -21.53 -9.47 13.66
N THR A 308 -20.96 -10.62 13.27
CA THR A 308 -21.56 -11.49 12.25
C THR A 308 -21.94 -12.88 12.79
N GLY A 309 -21.69 -13.12 14.08
CA GLY A 309 -21.94 -14.41 14.68
C GLY A 309 -21.62 -14.34 16.15
N GLU A 310 -21.81 -15.45 16.86
CA GLU A 310 -21.48 -15.49 18.29
C GLU A 310 -20.00 -15.20 18.52
N SER A 311 -19.17 -15.66 17.59
CA SER A 311 -17.72 -15.56 17.73
C SER A 311 -17.03 -14.94 16.52
N SER A 312 -17.75 -14.15 15.74
CA SER A 312 -17.16 -13.57 14.52
C SER A 312 -17.52 -12.10 14.36
N TYR A 313 -16.55 -11.35 13.84
CA TYR A 313 -16.68 -9.92 13.65
C TYR A 313 -15.98 -9.47 12.37
N ARG A 314 -16.53 -8.41 11.79
N ARG A 314 -16.51 -8.39 11.80
CA ARG A 314 -15.83 -7.60 10.79
CA ARG A 314 -15.82 -7.62 10.78
C ARG A 314 -15.38 -6.30 11.45
C ARG A 314 -15.41 -6.28 11.40
N ALA A 315 -14.23 -5.79 11.01
CA ALA A 315 -13.68 -4.54 11.53
C ALA A 315 -13.30 -3.61 10.40
N CYS A 316 -13.77 -2.36 10.45
CA CYS A 316 -13.43 -1.38 9.42
C CYS A 316 -11.92 -1.26 9.25
N PHE A 317 -11.49 -1.31 8.00
CA PHE A 317 -10.08 -1.18 7.68
C PHE A 317 -10.02 -0.82 6.20
N SER A 318 -9.21 0.17 5.85
CA SER A 318 -9.02 0.54 4.46
C SER A 318 -7.55 0.79 4.13
N PHE A 319 -7.15 0.24 2.99
CA PHE A 319 -5.86 0.51 2.35
C PHE A 319 -5.92 1.76 1.45
N HIS A 320 -7.11 2.29 1.19
CA HIS A 320 -7.34 3.26 0.14
C HIS A 320 -8.22 4.41 0.63
N SER A 321 -8.03 5.60 0.06
N SER A 321 -8.04 5.58 0.02
CA SER A 321 -8.84 6.76 0.44
CA SER A 321 -8.83 6.77 0.34
C SER A 321 -10.28 6.63 -0.03
C SER A 321 -10.30 6.60 -0.04
N SER A 322 -11.18 7.24 0.75
CA SER A 322 -12.59 7.37 0.39
C SER A 322 -12.76 8.35 -0.78
N TYR A 323 -13.97 8.38 -1.33
CA TYR A 323 -14.28 9.34 -2.38
C TYR A 323 -14.08 10.78 -1.92
N SER A 324 -14.54 11.11 -0.71
CA SER A 324 -14.36 12.47 -0.21
C SER A 324 -12.88 12.83 -0.02
N GLU A 325 -12.09 11.85 0.42
CA GLU A 325 -10.64 12.01 0.55
C GLU A 325 -9.95 12.19 -0.82
N ILE A 326 -10.39 11.42 -1.82
CA ILE A 326 -9.88 11.57 -3.20
C ILE A 326 -10.20 12.98 -3.71
N LYS A 327 -11.45 13.41 -3.54
CA LYS A 327 -11.84 14.77 -3.98
C LYS A 327 -11.01 15.84 -3.30
N ASP A 328 -10.84 15.73 -1.99
CA ASP A 328 -10.04 16.69 -1.25
C ASP A 328 -8.60 16.76 -1.75
N PHE A 329 -8.00 15.59 -1.95
CA PHE A 329 -6.63 15.46 -2.45
C PHE A 329 -6.48 16.13 -3.83
N LEU A 330 -7.36 15.79 -4.77
CA LEU A 330 -7.27 16.33 -6.13
C LEU A 330 -7.64 17.80 -6.20
N SER A 331 -8.64 18.20 -5.42
CA SER A 331 -9.02 19.61 -5.31
C SER A 331 -7.79 20.44 -4.90
N TYR A 332 -7.08 19.94 -3.90
CA TYR A 332 -5.90 20.60 -3.40
C TYR A 332 -4.74 20.66 -4.43
N LEU A 333 -4.50 19.54 -5.09
CA LEU A 333 -3.40 19.46 -6.05
C LEU A 333 -3.69 20.21 -7.33
N CYS A 334 -4.97 20.31 -7.69
CA CYS A 334 -5.40 21.05 -8.86
C CYS A 334 -4.55 20.79 -10.10
N PRO A 335 -4.46 19.52 -10.53
CA PRO A 335 -3.63 19.23 -11.71
C PRO A 335 -4.35 19.56 -13.00
N VAL A 336 -3.60 19.61 -14.10
CA VAL A 336 -4.23 19.71 -15.42
C VAL A 336 -5.06 18.45 -15.71
N ASN A 337 -4.50 17.28 -15.41
CA ASN A 337 -5.11 15.97 -15.70
C ASN A 337 -5.08 15.05 -14.49
N ALA A 338 -6.10 14.22 -14.35
CA ALA A 338 -6.14 13.18 -13.32
C ALA A 338 -6.52 11.87 -14.00
N TYR A 339 -5.63 10.88 -13.85
N TYR A 339 -5.65 10.87 -13.88
CA TYR A 339 -5.78 9.55 -14.47
CA TYR A 339 -5.85 9.58 -14.53
C TYR A 339 -6.10 8.53 -13.38
C TYR A 339 -6.07 8.50 -13.47
N PRO A 340 -7.24 7.81 -13.51
CA PRO A 340 -7.48 6.73 -12.53
C PRO A 340 -6.57 5.52 -12.75
N ASN A 341 -5.92 5.05 -11.68
CA ASN A 341 -5.11 3.81 -11.70
C ASN A 341 -5.96 2.54 -11.49
N VAL A 342 -7.16 2.70 -10.93
CA VAL A 342 -8.05 1.59 -10.54
C VAL A 342 -9.46 1.93 -11.00
N ILE A 343 -10.13 0.97 -11.63
CA ILE A 343 -11.54 1.12 -11.95
C ILE A 343 -12.30 0.33 -10.90
N PRO A 344 -13.17 1.00 -10.12
CA PRO A 344 -14.03 0.25 -9.18
C PRO A 344 -14.91 -0.77 -9.91
N VAL A 345 -15.17 -1.90 -9.25
CA VAL A 345 -15.89 -3.03 -9.84
C VAL A 345 -17.29 -2.69 -10.39
N GLY A 346 -17.95 -1.68 -9.80
CA GLY A 346 -19.26 -1.21 -10.27
C GLY A 346 -19.26 -0.03 -11.23
N THR A 347 -18.23 0.09 -12.08
CA THR A 347 -18.16 1.16 -13.10
C THR A 347 -17.08 0.90 -14.19
N THR A 348 -16.72 1.94 -14.94
CA THR A 348 -15.73 1.87 -16.02
C THR A 348 -14.70 3.02 -15.93
N MET A 349 -13.63 2.89 -16.71
CA MET A 349 -12.51 3.84 -16.68
C MET A 349 -12.93 5.23 -17.14
N ASP A 350 -13.64 5.29 -18.27
CA ASP A 350 -14.13 6.56 -18.81
C ASP A 350 -15.01 7.34 -17.81
N LYS A 351 -15.86 6.63 -17.08
CA LYS A 351 -16.79 7.23 -16.11
C LYS A 351 -16.10 7.76 -14.84
N VAL A 352 -15.01 7.12 -14.44
CA VAL A 352 -14.22 7.61 -13.30
C VAL A 352 -13.48 8.90 -13.69
N VAL A 353 -12.88 8.88 -14.89
CA VAL A 353 -12.24 10.07 -15.46
C VAL A 353 -13.22 11.27 -15.41
N GLU A 354 -14.49 11.03 -15.73
CA GLU A 354 -15.51 12.07 -15.73
C GLU A 354 -15.90 12.59 -14.34
N ILE A 355 -15.89 11.72 -13.34
CA ILE A 355 -16.14 12.10 -11.95
C ILE A 355 -15.05 13.08 -11.46
N LEU A 356 -13.82 12.90 -11.95
CA LEU A 356 -12.69 13.70 -11.52
C LEU A 356 -12.45 14.95 -12.35
N LYS A 357 -13.04 15.02 -13.55
CA LYS A 357 -12.82 16.13 -14.46
C LYS A 357 -13.04 17.54 -13.86
N PRO A 358 -14.11 17.75 -13.05
CA PRO A 358 -14.32 19.09 -12.48
C PRO A 358 -13.25 19.57 -11.48
N LEU A 359 -12.38 18.69 -11.02
CA LEU A 359 -11.28 19.06 -10.11
C LEU A 359 -10.01 19.46 -10.84
N CYS A 360 -10.00 19.28 -12.17
CA CYS A 360 -8.82 19.48 -12.99
C CYS A 360 -8.93 20.77 -13.79
N ARG A 361 -7.77 21.30 -14.17
CA ARG A 361 -7.74 22.55 -14.93
C ARG A 361 -8.14 22.38 -16.39
N SER A 362 -7.67 21.31 -17.04
CA SER A 362 -8.09 21.03 -18.42
C SER A 362 -8.59 19.60 -18.51
ZN ZN B . -1.70 -19.05 14.38
C1 EDO C . -1.94 -20.14 23.26
O1 EDO C . -0.72 -20.04 23.98
C2 EDO C . -3.03 -19.33 23.98
O2 EDO C . -3.02 -19.64 25.37
C1 EDO D . -15.41 -9.70 22.98
O1 EDO D . -14.88 -9.49 24.30
C2 EDO D . -16.52 -8.69 22.74
O2 EDO D . -17.52 -8.87 23.74
C1 EDO E . -20.42 -4.99 17.61
O1 EDO E . -20.22 -3.62 17.99
C2 EDO E . -21.67 -5.56 18.27
O2 EDO E . -22.86 -5.03 17.66
C1 EDO F . 4.17 1.20 8.53
O1 EDO F . 3.07 0.43 9.06
C2 EDO F . 5.52 0.62 8.96
O2 EDO F . 5.39 -0.15 10.16
C1 EDO G . 3.59 19.54 -19.74
O1 EDO G . 3.62 18.10 -19.83
C2 EDO G . 4.32 20.17 -20.92
O2 EDO G . 5.72 19.91 -20.83
C1 EDO H . -4.71 18.72 1.63
O1 EDO H . -4.06 18.05 2.72
C2 EDO H . -5.85 19.58 2.18
O2 EDO H . -6.78 18.78 2.92
C1 EDO I . 18.29 1.46 2.15
O1 EDO I . 18.59 2.70 1.52
C2 EDO I . 17.88 0.32 1.22
O2 EDO I . 17.14 -0.68 1.90
C1 EDO J . 11.17 24.84 -2.88
O1 EDO J . 9.96 24.31 -3.46
C2 EDO J . 10.88 25.86 -1.78
O2 EDO J . 9.51 26.26 -1.78
#